data_7BI7
#
_entry.id   7BI7
#
_cell.length_a   121.870
_cell.length_b   77.640
_cell.length_c   90.800
_cell.angle_alpha   90.000
_cell.angle_beta   128.850
_cell.angle_gamma   90.000
#
_symmetry.space_group_name_H-M   'C 1 2 1'
#
loop_
_entity.id
_entity.type
_entity.pdbx_description
1 polymer 'FeMo cofactor biosynthesis protein NifB'
2 non-polymer 'IRON/SULFUR CLUSTER'
3 non-polymer 'FE(8)-S(7) CLUSTER'
4 non-polymer 'HYDROSULFURIC ACID'
5 non-polymer 'NITRATE ION'
6 non-polymer 'MALONATE ION'
7 water water
#
_entity_poly.entity_id   1
_entity_poly.type   'polypeptide(L)'
_entity_poly.pdbx_seq_one_letter_code
;MPDQRQTRFAHITKAHPCFNEKLHDRVGRVHVPIAPRCNIHCKFCTRDINECERRPGVTGRLMTADDAIKHVEKVKEEMP
ISVIGVAGPGDALANEETFEFFKKASKKFPDLLKCMSTNGLLLPDRADELAELGINTVTVTVNAVDPEIGEKIYSFVVYK
DKVYHGREAFEVLSRNQLEGIEKLAERGIIVKVNSVLIPGLNDEHIVDIAREVKKRGASLMNIIPLIPMGEMKDYPRPTC
EQIERVRNEVEKIIPVFRACTQCRADAYGIPGKKEADKHLDMTPASHY
;
_entity_poly.pdbx_strand_id   A,B
#
loop_
_chem_comp.id
_chem_comp.type
_chem_comp.name
_chem_comp.formula
CLF non-polymer 'FE(8)-S(7) CLUSTER' 'Fe8 S7'
H2S non-polymer 'HYDROSULFURIC ACID' 'H2 S'
MLI non-polymer 'MALONATE ION' 'C3 H2 O4 -2'
NO3 non-polymer 'NITRATE ION' 'N O3 -1'
SF4 non-polymer 'IRON/SULFUR CLUSTER' 'Fe4 S4'
#
# COMPACT_ATOMS: atom_id res chain seq x y z
N THR A 7 -30.25 -14.06 18.56
CA THR A 7 -29.53 -12.85 18.17
C THR A 7 -28.42 -13.21 17.21
N ARG A 8 -28.15 -12.35 16.23
CA ARG A 8 -27.03 -12.58 15.32
C ARG A 8 -25.67 -12.34 16.02
N PHE A 9 -25.67 -11.64 17.18
CA PHE A 9 -24.50 -11.31 17.97
C PHE A 9 -24.00 -12.53 18.73
N ALA A 10 -24.93 -13.38 19.25
CA ALA A 10 -24.55 -14.60 19.96
C ALA A 10 -23.86 -15.61 19.01
N HIS A 11 -24.15 -15.52 17.70
CA HIS A 11 -23.51 -16.38 16.73
C HIS A 11 -22.02 -15.95 16.59
N ILE A 12 -21.76 -14.63 16.29
CA ILE A 12 -20.41 -14.07 16.14
C ILE A 12 -19.62 -14.10 17.46
N THR A 13 -18.61 -14.98 17.46
CA THR A 13 -17.61 -15.22 18.51
C THR A 13 -16.21 -15.26 17.86
N LYS A 14 -15.17 -15.07 18.69
CA LYS A 14 -13.82 -15.01 18.19
C LYS A 14 -12.86 -16.07 18.79
N ALA A 15 -12.43 -16.95 17.89
CA ALA A 15 -11.44 -18.03 17.91
C ALA A 15 -10.68 -18.11 16.53
N HIS A 16 -11.14 -17.30 15.55
CA HIS A 16 -10.73 -17.07 14.18
C HIS A 16 -9.82 -15.84 14.18
N PRO A 17 -8.66 -15.87 13.51
CA PRO A 17 -7.78 -14.69 13.50
C PRO A 17 -8.24 -13.53 12.64
N CYS A 18 -9.01 -13.77 11.56
CA CYS A 18 -9.51 -12.68 10.72
C CYS A 18 -10.75 -11.97 11.28
N PHE A 19 -11.09 -12.27 12.52
CA PHE A 19 -12.15 -11.70 13.33
C PHE A 19 -11.44 -11.53 14.65
N ASN A 20 -11.42 -10.33 15.21
CA ASN A 20 -10.66 -10.06 16.43
C ASN A 20 -9.18 -10.10 16.07
N GLU A 21 -8.55 -8.93 16.09
CA GLU A 21 -7.15 -8.77 15.77
C GLU A 21 -6.21 -9.29 16.87
N LYS A 22 -6.69 -9.44 18.12
CA LYS A 22 -5.84 -9.98 19.20
C LYS A 22 -5.47 -11.47 18.97
N LEU A 23 -6.19 -12.15 18.07
CA LEU A 23 -5.88 -13.53 17.73
C LEU A 23 -5.20 -13.70 16.39
N HIS A 24 -5.20 -12.66 15.53
CA HIS A 24 -4.61 -12.69 14.21
C HIS A 24 -3.14 -13.15 14.23
N ASP A 25 -2.31 -12.60 15.12
CA ASP A 25 -0.91 -13.01 15.23
C ASP A 25 -0.72 -14.19 16.19
N ARG A 26 -1.80 -14.95 16.49
CA ARG A 26 -1.77 -16.03 17.45
C ARG A 26 -2.27 -17.37 16.94
N VAL A 27 -3.44 -17.39 16.29
CA VAL A 27 -3.96 -18.67 15.78
C VAL A 27 -3.90 -18.72 14.23
N GLY A 28 -3.58 -19.89 13.73
CA GLY A 28 -3.41 -20.10 12.31
C GLY A 28 -4.68 -20.15 11.47
N ARG A 29 -4.46 -20.37 10.18
CA ARG A 29 -5.42 -20.39 9.10
C ARG A 29 -4.67 -20.98 7.88
N VAL A 30 -5.40 -21.65 7.01
CA VAL A 30 -4.83 -22.21 5.81
C VAL A 30 -5.71 -21.85 4.61
N HIS A 31 -5.09 -21.39 3.53
CA HIS A 31 -5.82 -21.09 2.30
C HIS A 31 -5.51 -22.19 1.33
N VAL A 32 -6.54 -22.78 0.74
CA VAL A 32 -6.32 -23.79 -0.28
C VAL A 32 -6.56 -23.16 -1.66
N PRO A 33 -5.56 -23.22 -2.55
CA PRO A 33 -5.70 -22.60 -3.87
C PRO A 33 -6.47 -23.50 -4.82
N ILE A 34 -7.73 -23.74 -4.50
CA ILE A 34 -8.58 -24.64 -5.28
C ILE A 34 -9.66 -23.91 -6.04
N ALA A 35 -9.62 -22.56 -6.14
CA ALA A 35 -10.70 -21.84 -6.82
C ALA A 35 -10.21 -20.87 -7.90
N PRO A 36 -9.63 -21.39 -9.00
CA PRO A 36 -9.03 -20.50 -10.01
C PRO A 36 -9.95 -19.60 -10.87
N ARG A 37 -11.09 -20.11 -11.33
CA ARG A 37 -11.98 -19.33 -12.20
C ARG A 37 -12.72 -18.22 -11.43
N CYS A 38 -13.13 -17.19 -12.14
CA CYS A 38 -13.86 -16.08 -11.55
C CYS A 38 -14.96 -15.64 -12.49
N ASN A 39 -16.03 -15.07 -11.92
CA ASN A 39 -17.19 -14.66 -12.69
C ASN A 39 -17.23 -13.19 -13.03
N ILE A 40 -16.51 -12.33 -12.28
CA ILE A 40 -16.54 -10.89 -12.56
C ILE A 40 -15.15 -10.32 -12.93
N HIS A 41 -15.09 -9.02 -13.31
CA HIS A 41 -13.80 -8.37 -13.50
C HIS A 41 -13.67 -7.12 -12.63
N CYS A 42 -12.80 -7.18 -11.62
CA CYS A 42 -12.51 -6.05 -10.75
C CYS A 42 -11.43 -5.26 -11.45
N LYS A 43 -11.62 -3.93 -11.61
CA LYS A 43 -10.65 -3.04 -12.26
C LYS A 43 -9.34 -2.86 -11.49
N PHE A 44 -9.11 -3.68 -10.46
CA PHE A 44 -7.89 -3.70 -9.65
C PHE A 44 -7.35 -5.13 -9.38
N CYS A 45 -7.99 -6.16 -9.94
CA CYS A 45 -7.61 -7.56 -9.87
C CYS A 45 -6.57 -7.85 -10.93
N THR A 46 -5.66 -8.78 -10.61
CA THR A 46 -4.62 -9.17 -11.57
C THR A 46 -4.46 -10.67 -11.67
N ARG A 47 -4.82 -11.44 -10.61
CA ARG A 47 -4.77 -12.91 -10.56
C ARG A 47 -3.53 -13.50 -11.22
N ASP A 48 -2.59 -13.97 -10.42
CA ASP A 48 -1.34 -14.47 -10.97
C ASP A 48 -0.91 -15.82 -10.38
N ILE A 49 0.18 -16.35 -10.94
CA ILE A 49 0.79 -17.55 -10.43
C ILE A 49 2.28 -17.31 -10.35
N ASN A 50 2.82 -17.20 -9.13
CA ASN A 50 4.22 -16.94 -8.82
C ASN A 50 4.52 -17.30 -7.35
N GLU A 51 5.81 -17.27 -6.94
CA GLU A 51 6.19 -17.59 -5.57
C GLU A 51 6.87 -16.41 -4.89
N CYS A 52 6.35 -15.20 -5.09
CA CYS A 52 6.92 -14.02 -4.47
C CYS A 52 5.85 -13.04 -3.96
N GLU A 53 5.17 -12.24 -4.84
CA GLU A 53 4.14 -11.27 -4.46
C GLU A 53 3.19 -11.77 -3.39
N ARG A 54 2.74 -10.89 -2.50
CA ARG A 54 1.82 -11.25 -1.41
C ARG A 54 0.37 -10.78 -1.60
N ARG A 55 0.02 -10.29 -2.79
CA ARG A 55 -1.32 -9.78 -3.06
C ARG A 55 -2.40 -10.90 -2.99
N PRO A 56 -3.67 -10.59 -2.65
CA PRO A 56 -4.65 -11.67 -2.49
C PRO A 56 -4.93 -12.61 -3.67
N GLY A 57 -4.81 -12.15 -4.92
CA GLY A 57 -5.13 -13.02 -6.05
C GLY A 57 -3.95 -13.83 -6.57
N VAL A 58 -2.98 -14.12 -5.71
CA VAL A 58 -1.75 -14.80 -6.09
C VAL A 58 -1.65 -16.17 -5.46
N THR A 59 -1.10 -17.13 -6.20
CA THR A 59 -0.93 -18.50 -5.74
C THR A 59 0.31 -19.08 -6.40
N GLY A 60 1.00 -19.99 -5.71
CA GLY A 60 2.18 -20.66 -6.25
C GLY A 60 1.85 -21.80 -7.19
N ARG A 61 0.81 -22.55 -6.88
CA ARG A 61 0.35 -23.66 -7.67
C ARG A 61 -1.11 -23.95 -7.30
N LEU A 62 -1.95 -24.39 -8.26
CA LEU A 62 -3.33 -24.72 -7.93
C LEU A 62 -3.41 -26.18 -7.51
N MET A 63 -4.25 -26.46 -6.53
CA MET A 63 -4.42 -27.79 -6.01
C MET A 63 -5.77 -28.37 -6.39
N THR A 64 -5.87 -29.69 -6.41
CA THR A 64 -7.14 -30.37 -6.62
C THR A 64 -7.80 -30.47 -5.24
N ALA A 65 -9.13 -30.66 -5.19
CA ALA A 65 -9.83 -30.76 -3.91
C ALA A 65 -9.26 -31.88 -3.00
N ASP A 66 -8.96 -33.06 -3.57
CA ASP A 66 -8.40 -34.18 -2.81
C ASP A 66 -6.97 -33.86 -2.30
N ASP A 67 -6.14 -33.23 -3.15
CA ASP A 67 -4.78 -32.85 -2.77
C ASP A 67 -4.79 -31.74 -1.71
N ALA A 68 -5.82 -30.87 -1.73
CA ALA A 68 -6.00 -29.83 -0.75
C ALA A 68 -6.26 -30.47 0.61
N ILE A 69 -7.01 -31.59 0.67
CA ILE A 69 -7.26 -32.33 1.90
C ILE A 69 -5.93 -32.79 2.51
N LYS A 70 -5.09 -33.45 1.72
CA LYS A 70 -3.78 -33.93 2.17
C LYS A 70 -2.91 -32.77 2.64
N HIS A 71 -2.99 -31.61 1.96
CA HIS A 71 -2.23 -30.43 2.37
C HIS A 71 -2.69 -29.91 3.72
N VAL A 72 -4.02 -29.83 3.96
CA VAL A 72 -4.55 -29.37 5.24
C VAL A 72 -4.09 -30.32 6.34
N GLU A 73 -4.20 -31.63 6.10
CA GLU A 73 -3.77 -32.66 7.03
C GLU A 73 -2.29 -32.49 7.40
N LYS A 74 -1.43 -32.27 6.39
CA LYS A 74 0.01 -32.10 6.60
C LYS A 74 0.35 -30.84 7.38
N VAL A 75 -0.23 -29.69 7.03
CA VAL A 75 0.05 -28.44 7.72
C VAL A 75 -0.54 -28.42 9.16
N LYS A 76 -1.66 -29.11 9.40
CA LYS A 76 -2.30 -29.19 10.72
C LYS A 76 -1.31 -29.71 11.78
N GLU A 77 -0.51 -30.72 11.40
CA GLU A 77 0.45 -31.38 12.30
C GLU A 77 1.66 -30.51 12.59
N GLU A 78 2.17 -29.82 11.56
CA GLU A 78 3.36 -28.98 11.71
C GLU A 78 3.11 -27.55 12.22
N MET A 79 1.91 -27.01 12.03
CA MET A 79 1.60 -25.63 12.43
C MET A 79 0.26 -25.58 13.22
N PRO A 80 0.03 -24.52 14.01
CA PRO A 80 -1.21 -24.44 14.78
C PRO A 80 -2.38 -23.85 14.00
N ILE A 81 -3.16 -24.70 13.31
CA ILE A 81 -4.28 -24.26 12.47
C ILE A 81 -5.61 -24.28 13.24
N SER A 82 -6.51 -23.31 12.96
CA SER A 82 -7.86 -23.24 13.54
C SER A 82 -8.94 -22.96 12.46
N VAL A 83 -8.53 -22.36 11.31
CA VAL A 83 -9.43 -22.02 10.20
C VAL A 83 -8.94 -22.69 8.91
N ILE A 84 -9.87 -23.07 8.02
CA ILE A 84 -9.62 -23.58 6.67
C ILE A 84 -10.41 -22.63 5.78
N GLY A 85 -9.74 -21.88 4.94
CA GLY A 85 -10.42 -20.94 4.06
C GLY A 85 -10.15 -21.11 2.59
N VAL A 86 -11.18 -20.97 1.76
CA VAL A 86 -10.99 -21.03 0.30
C VAL A 86 -11.00 -19.61 -0.26
N ALA A 87 -9.84 -18.95 -0.25
CA ALA A 87 -9.72 -17.62 -0.81
C ALA A 87 -9.52 -17.66 -2.33
N GLY A 88 -9.00 -18.79 -2.85
CA GLY A 88 -8.78 -19.20 -4.24
C GLY A 88 -8.60 -18.08 -5.23
N PRO A 89 -7.68 -18.20 -6.22
CA PRO A 89 -7.42 -17.07 -7.12
C PRO A 89 -8.66 -16.27 -7.57
N GLY A 90 -9.66 -16.96 -8.08
CA GLY A 90 -10.88 -16.32 -8.55
C GLY A 90 -11.90 -16.21 -7.45
N ASP A 91 -13.11 -16.77 -7.70
CA ASP A 91 -14.19 -16.71 -6.72
C ASP A 91 -14.60 -18.09 -6.24
N ALA A 92 -14.59 -18.28 -4.90
CA ALA A 92 -14.88 -19.56 -4.24
C ALA A 92 -16.30 -20.15 -4.53
N LEU A 93 -17.30 -19.31 -4.82
CA LEU A 93 -18.63 -19.82 -5.20
C LEU A 93 -18.68 -20.24 -6.67
N ALA A 94 -17.82 -19.67 -7.52
CA ALA A 94 -17.78 -19.97 -8.95
C ALA A 94 -17.08 -21.26 -9.33
N ASN A 95 -16.41 -21.94 -8.38
CA ASN A 95 -15.74 -23.20 -8.68
C ASN A 95 -16.37 -24.32 -7.90
N GLU A 96 -16.94 -25.34 -8.59
CA GLU A 96 -17.58 -26.45 -7.89
C GLU A 96 -16.64 -27.23 -6.98
N GLU A 97 -15.32 -27.17 -7.27
CA GLU A 97 -14.31 -27.85 -6.46
C GLU A 97 -14.25 -27.32 -5.02
N THR A 98 -14.71 -26.09 -4.78
CA THR A 98 -14.77 -25.50 -3.45
C THR A 98 -15.78 -26.28 -2.61
N PHE A 99 -16.94 -26.65 -3.22
CA PHE A 99 -18.01 -27.39 -2.59
C PHE A 99 -17.55 -28.83 -2.37
N GLU A 100 -16.93 -29.43 -3.41
CA GLU A 100 -16.33 -30.76 -3.38
C GLU A 100 -15.35 -30.88 -2.22
N PHE A 101 -14.57 -29.84 -1.98
CA PHE A 101 -13.62 -29.81 -0.88
C PHE A 101 -14.35 -29.69 0.44
N PHE A 102 -15.29 -28.74 0.55
CA PHE A 102 -16.03 -28.50 1.78
C PHE A 102 -16.83 -29.68 2.26
N LYS A 103 -17.22 -30.59 1.35
CA LYS A 103 -17.91 -31.80 1.76
C LYS A 103 -16.85 -32.72 2.36
N LYS A 104 -15.74 -32.95 1.65
CA LYS A 104 -14.63 -33.79 2.11
C LYS A 104 -14.06 -33.34 3.47
N ALA A 105 -13.89 -32.01 3.65
CA ALA A 105 -13.36 -31.40 4.86
C ALA A 105 -14.37 -31.43 6.01
N SER A 106 -15.67 -31.49 5.73
CA SER A 106 -16.68 -31.58 6.79
C SER A 106 -16.54 -32.87 7.58
N LYS A 107 -16.09 -33.96 6.93
CA LYS A 107 -15.88 -35.26 7.56
C LYS A 107 -14.43 -35.42 8.00
N LYS A 108 -13.45 -35.09 7.11
CA LYS A 108 -12.03 -35.22 7.45
C LYS A 108 -11.52 -34.25 8.54
N PHE A 109 -12.01 -33.00 8.56
CA PHE A 109 -11.61 -32.03 9.57
C PHE A 109 -12.82 -31.41 10.31
N PRO A 110 -13.45 -32.13 11.26
CA PRO A 110 -14.60 -31.53 11.99
C PRO A 110 -14.20 -30.56 13.12
N ASP A 111 -12.91 -30.32 13.32
CA ASP A 111 -12.39 -29.49 14.38
C ASP A 111 -12.13 -28.05 13.98
N LEU A 112 -11.60 -27.85 12.75
CA LEU A 112 -11.25 -26.52 12.21
C LEU A 112 -12.48 -25.86 11.65
N LEU A 113 -12.65 -24.54 11.92
CA LEU A 113 -13.82 -23.86 11.36
C LEU A 113 -13.62 -23.55 9.87
N LYS A 114 -14.68 -23.72 9.08
CA LYS A 114 -14.60 -23.47 7.63
C LYS A 114 -14.89 -21.98 7.34
N CYS A 115 -14.16 -21.39 6.41
CA CYS A 115 -14.32 -19.98 6.07
C CYS A 115 -14.01 -19.79 4.60
N MET A 116 -14.69 -18.86 3.93
CA MET A 116 -14.38 -18.62 2.52
C MET A 116 -14.72 -17.23 2.05
N SER A 117 -14.00 -16.76 1.04
CA SER A 117 -14.20 -15.45 0.47
C SER A 117 -14.97 -15.52 -0.85
N THR A 118 -15.89 -14.57 -1.03
CA THR A 118 -16.70 -14.51 -2.23
C THR A 118 -17.01 -13.04 -2.63
N ASN A 119 -17.55 -12.85 -3.85
CA ASN A 119 -17.98 -11.54 -4.30
C ASN A 119 -19.51 -11.40 -4.41
N GLY A 120 -20.25 -12.29 -3.72
CA GLY A 120 -21.70 -12.28 -3.62
C GLY A 120 -22.55 -12.69 -4.82
N LEU A 121 -22.06 -12.53 -6.06
CA LEU A 121 -22.81 -12.83 -7.28
C LEU A 121 -23.50 -14.21 -7.32
N LEU A 122 -22.91 -15.22 -6.66
CA LEU A 122 -23.51 -16.55 -6.61
C LEU A 122 -24.04 -16.94 -5.24
N LEU A 123 -24.15 -15.98 -4.32
CA LEU A 123 -24.70 -16.21 -2.99
C LEU A 123 -26.17 -16.59 -3.05
N PRO A 124 -27.05 -15.93 -3.84
CA PRO A 124 -28.45 -16.37 -3.88
C PRO A 124 -28.57 -17.83 -4.35
N ASP A 125 -27.78 -18.24 -5.35
CA ASP A 125 -27.86 -19.59 -5.86
C ASP A 125 -27.22 -20.64 -4.96
N ARG A 126 -26.11 -20.32 -4.30
CA ARG A 126 -25.39 -21.31 -3.50
C ARG A 126 -25.43 -21.15 -1.97
N ALA A 127 -26.19 -20.17 -1.42
CA ALA A 127 -26.23 -19.96 0.03
C ALA A 127 -26.81 -21.16 0.74
N ASP A 128 -27.78 -21.85 0.14
CA ASP A 128 -28.41 -23.05 0.69
C ASP A 128 -27.34 -24.12 0.89
N GLU A 129 -26.53 -24.38 -0.15
CA GLU A 129 -25.43 -25.35 -0.11
C GLU A 129 -24.43 -24.98 1.00
N LEU A 130 -24.02 -23.70 1.09
CA LEU A 130 -23.08 -23.22 2.11
C LEU A 130 -23.51 -23.63 3.52
N ALA A 131 -24.79 -23.46 3.85
CA ALA A 131 -25.33 -23.84 5.15
C ALA A 131 -25.23 -25.35 5.40
N GLU A 132 -25.45 -26.17 4.35
CA GLU A 132 -25.37 -27.63 4.41
C GLU A 132 -23.94 -28.16 4.59
N LEU A 133 -22.94 -27.38 4.18
CA LEU A 133 -21.55 -27.80 4.33
C LEU A 133 -20.94 -27.47 5.70
N GLY A 134 -21.71 -26.85 6.58
CA GLY A 134 -21.23 -26.47 7.91
C GLY A 134 -20.21 -25.35 7.91
N ILE A 135 -20.32 -24.42 6.93
CA ILE A 135 -19.44 -23.24 6.77
C ILE A 135 -19.78 -22.28 7.92
N ASN A 136 -18.76 -21.76 8.60
CA ASN A 136 -18.99 -20.85 9.72
C ASN A 136 -19.03 -19.38 9.31
N THR A 137 -18.00 -18.90 8.59
CA THR A 137 -17.98 -17.49 8.17
C THR A 137 -17.68 -17.32 6.73
N VAL A 138 -18.34 -16.37 6.10
CA VAL A 138 -18.10 -16.04 4.71
C VAL A 138 -17.81 -14.54 4.58
N THR A 139 -16.83 -14.18 3.73
CA THR A 139 -16.49 -12.79 3.51
C THR A 139 -17.01 -12.35 2.14
N VAL A 140 -17.72 -11.23 2.08
CA VAL A 140 -18.25 -10.71 0.83
C VAL A 140 -17.52 -9.40 0.50
N THR A 141 -16.97 -9.30 -0.72
CA THR A 141 -16.24 -8.10 -1.10
C THR A 141 -17.16 -7.06 -1.73
N VAL A 142 -17.66 -6.12 -0.90
CA VAL A 142 -18.53 -5.03 -1.35
C VAL A 142 -17.72 -3.73 -1.48
N ASN A 143 -17.52 -3.24 -2.69
CA ASN A 143 -16.77 -2.01 -2.91
C ASN A 143 -17.67 -0.80 -3.19
N ALA A 144 -18.96 -1.02 -3.50
CA ALA A 144 -19.87 0.08 -3.76
C ALA A 144 -21.34 -0.35 -3.65
N VAL A 145 -22.19 0.62 -3.35
CA VAL A 145 -23.62 0.46 -3.28
C VAL A 145 -24.24 1.40 -4.34
N ASP A 146 -23.78 2.66 -4.41
CA ASP A 146 -24.27 3.59 -5.43
C ASP A 146 -23.79 3.15 -6.80
N PRO A 147 -24.69 2.86 -7.78
CA PRO A 147 -24.23 2.44 -9.11
C PRO A 147 -23.29 3.42 -9.82
N GLU A 148 -23.41 4.73 -9.53
CA GLU A 148 -22.51 5.74 -10.10
C GLU A 148 -21.04 5.48 -9.69
N ILE A 149 -20.82 4.86 -8.50
CA ILE A 149 -19.49 4.49 -7.99
C ILE A 149 -19.10 3.09 -8.54
N GLY A 150 -20.01 2.12 -8.37
CA GLY A 150 -19.83 0.73 -8.75
C GLY A 150 -19.50 0.48 -10.21
N GLU A 151 -20.07 1.29 -11.12
CA GLU A 151 -19.78 1.13 -12.53
C GLU A 151 -18.30 1.40 -12.84
N LYS A 152 -17.68 2.36 -12.10
CA LYS A 152 -16.28 2.72 -12.25
C LYS A 152 -15.33 1.70 -11.61
N ILE A 153 -15.83 0.61 -11.03
CA ILE A 153 -15.00 -0.38 -10.34
C ILE A 153 -15.00 -1.73 -11.06
N TYR A 154 -16.13 -2.10 -11.69
CA TYR A 154 -16.21 -3.38 -12.38
C TYR A 154 -16.44 -3.25 -13.87
N SER A 155 -15.77 -4.09 -14.68
CA SER A 155 -15.92 -4.02 -16.13
C SER A 155 -17.00 -4.99 -16.66
N PHE A 156 -16.93 -6.27 -16.26
CA PHE A 156 -17.92 -7.24 -16.72
C PHE A 156 -18.36 -8.18 -15.61
N VAL A 157 -19.58 -8.71 -15.74
CA VAL A 157 -20.18 -9.66 -14.80
C VAL A 157 -20.73 -10.84 -15.59
N VAL A 158 -20.46 -12.06 -15.15
CA VAL A 158 -20.98 -13.25 -15.82
C VAL A 158 -22.00 -13.91 -14.91
N TYR A 159 -23.25 -13.95 -15.37
CA TYR A 159 -24.36 -14.53 -14.63
C TYR A 159 -25.32 -15.19 -15.61
N LYS A 160 -25.84 -16.36 -15.21
CA LYS A 160 -26.79 -17.13 -16.01
C LYS A 160 -26.31 -17.36 -17.46
N ASP A 161 -25.00 -17.66 -17.64
CA ASP A 161 -24.34 -17.90 -18.94
C ASP A 161 -24.27 -16.67 -19.87
N LYS A 162 -24.57 -15.46 -19.33
CA LYS A 162 -24.57 -14.21 -20.09
C LYS A 162 -23.63 -13.19 -19.47
N VAL A 163 -23.09 -12.27 -20.30
CA VAL A 163 -22.19 -11.23 -19.82
C VAL A 163 -22.92 -9.88 -19.72
N TYR A 164 -22.62 -9.10 -18.67
CA TYR A 164 -23.18 -7.78 -18.38
C TYR A 164 -22.06 -6.72 -18.41
N HIS A 165 -22.40 -5.49 -18.80
CA HIS A 165 -21.40 -4.43 -18.91
C HIS A 165 -21.83 -3.10 -18.27
N GLY A 166 -20.84 -2.35 -17.78
CA GLY A 166 -21.06 -1.03 -17.16
C GLY A 166 -21.96 -1.05 -15.95
N ARG A 167 -22.96 -0.14 -15.92
CA ARG A 167 -23.92 -0.06 -14.83
C ARG A 167 -24.79 -1.32 -14.78
N GLU A 168 -25.10 -1.92 -15.93
CA GLU A 168 -25.91 -3.14 -15.98
C GLU A 168 -25.23 -4.26 -15.22
N ALA A 169 -23.91 -4.38 -15.38
CA ALA A 169 -23.12 -5.39 -14.67
C ALA A 169 -23.14 -5.13 -13.16
N PHE A 170 -22.91 -3.87 -12.75
CA PHE A 170 -22.86 -3.53 -11.34
C PHE A 170 -24.20 -3.74 -10.66
N GLU A 171 -25.30 -3.40 -11.33
CA GLU A 171 -26.62 -3.55 -10.72
C GLU A 171 -26.98 -5.04 -10.47
N VAL A 172 -26.45 -5.96 -11.30
CA VAL A 172 -26.64 -7.40 -11.11
C VAL A 172 -25.83 -7.85 -9.87
N LEU A 173 -24.58 -7.39 -9.79
CA LEU A 173 -23.71 -7.73 -8.67
C LEU A 173 -24.24 -7.20 -7.36
N SER A 174 -24.62 -5.91 -7.30
CA SER A 174 -25.15 -5.27 -6.10
C SER A 174 -26.42 -5.95 -5.59
N ARG A 175 -27.31 -6.38 -6.49
CA ARG A 175 -28.52 -7.06 -6.06
C ARG A 175 -28.17 -8.41 -5.44
N ASN A 176 -27.22 -9.13 -6.05
CA ASN A 176 -26.79 -10.44 -5.56
C ASN A 176 -25.99 -10.38 -4.24
N GLN A 177 -24.99 -9.47 -4.12
CA GLN A 177 -24.20 -9.38 -2.90
C GLN A 177 -25.05 -9.01 -1.70
N LEU A 178 -25.81 -7.92 -1.80
CA LEU A 178 -26.65 -7.46 -0.70
C LEU A 178 -27.73 -8.49 -0.32
N GLU A 179 -28.48 -9.04 -1.30
CA GLU A 179 -29.45 -10.12 -1.00
C GLU A 179 -28.75 -11.39 -0.48
N GLY A 180 -27.48 -11.59 -0.85
CA GLY A 180 -26.64 -12.69 -0.44
C GLY A 180 -26.22 -12.56 1.00
N ILE A 181 -25.97 -11.32 1.46
CA ILE A 181 -25.61 -11.10 2.86
C ILE A 181 -26.82 -11.43 3.73
N GLU A 182 -28.01 -10.89 3.35
CA GLU A 182 -29.27 -11.11 4.06
C GLU A 182 -29.71 -12.57 4.04
N LYS A 183 -29.38 -13.30 2.96
CA LYS A 183 -29.70 -14.73 2.89
C LYS A 183 -28.79 -15.48 3.88
N LEU A 184 -27.51 -15.12 3.91
CA LEU A 184 -26.52 -15.77 4.75
C LEU A 184 -26.75 -15.49 6.22
N ALA A 185 -27.16 -14.27 6.54
CA ALA A 185 -27.41 -13.85 7.92
C ALA A 185 -28.58 -14.62 8.53
N GLU A 186 -29.60 -14.89 7.72
CA GLU A 186 -30.76 -15.65 8.10
C GLU A 186 -30.42 -17.12 8.29
N ARG A 187 -29.52 -17.66 7.46
CA ARG A 187 -29.10 -19.05 7.58
C ARG A 187 -28.15 -19.32 8.78
N GLY A 188 -27.75 -18.27 9.51
CA GLY A 188 -26.87 -18.39 10.66
C GLY A 188 -25.40 -18.12 10.39
N ILE A 189 -25.03 -17.92 9.11
CA ILE A 189 -23.64 -17.66 8.75
C ILE A 189 -23.25 -16.20 8.99
N ILE A 190 -22.19 -15.98 9.79
CA ILE A 190 -21.60 -14.67 10.12
C ILE A 190 -20.92 -14.13 8.88
N VAL A 191 -21.38 -12.96 8.41
CA VAL A 191 -20.80 -12.35 7.21
C VAL A 191 -19.85 -11.24 7.61
N LYS A 192 -18.70 -11.17 6.93
CA LYS A 192 -17.68 -10.12 7.06
C LYS A 192 -17.68 -9.38 5.73
N VAL A 193 -17.50 -8.04 5.73
CA VAL A 193 -17.47 -7.31 4.45
C VAL A 193 -16.14 -6.60 4.25
N ASN A 194 -15.39 -7.07 3.25
CA ASN A 194 -14.12 -6.47 2.85
C ASN A 194 -14.45 -5.34 1.87
N SER A 195 -13.85 -4.17 2.05
CA SER A 195 -14.07 -3.06 1.13
C SER A 195 -12.74 -2.45 0.81
N VAL A 196 -12.41 -2.30 -0.47
CA VAL A 196 -11.14 -1.68 -0.83
CA VAL A 196 -11.15 -1.71 -0.88
C VAL A 196 -11.34 -0.21 -0.97
N LEU A 197 -10.54 0.55 -0.23
CA LEU A 197 -10.62 1.99 -0.26
C LEU A 197 -9.86 2.48 -1.49
N ILE A 198 -10.59 2.87 -2.55
CA ILE A 198 -10.01 3.37 -3.80
C ILE A 198 -10.05 4.88 -3.78
N PRO A 199 -8.87 5.54 -3.63
CA PRO A 199 -8.86 7.02 -3.55
C PRO A 199 -9.45 7.68 -4.77
N GLY A 200 -10.37 8.60 -4.54
CA GLY A 200 -11.01 9.33 -5.63
C GLY A 200 -12.32 8.71 -6.08
N LEU A 201 -12.44 7.39 -5.92
CA LEU A 201 -13.61 6.65 -6.35
C LEU A 201 -14.65 6.48 -5.21
N ASN A 202 -14.47 5.49 -4.31
CA ASN A 202 -15.38 5.24 -3.19
C ASN A 202 -14.93 5.86 -1.87
N ASP A 203 -13.90 6.72 -1.91
CA ASP A 203 -13.33 7.46 -0.78
C ASP A 203 -14.39 7.93 0.24
N GLU A 204 -15.36 8.79 -0.21
CA GLU A 204 -16.45 9.35 0.62
C GLU A 204 -17.74 8.52 0.47
N HIS A 205 -17.61 7.22 0.18
CA HIS A 205 -18.74 6.32 -0.03
C HIS A 205 -18.70 5.10 0.91
N ILE A 206 -17.54 4.79 1.50
CA ILE A 206 -17.30 3.68 2.42
C ILE A 206 -18.33 3.63 3.55
N VAL A 207 -18.71 4.79 4.12
CA VAL A 207 -19.69 4.89 5.22
C VAL A 207 -21.12 4.50 4.76
N ASP A 208 -21.45 4.81 3.51
CA ASP A 208 -22.73 4.44 2.92
C ASP A 208 -22.77 2.91 2.79
N ILE A 209 -21.65 2.27 2.39
CA ILE A 209 -21.51 0.83 2.25
C ILE A 209 -21.74 0.19 3.60
N ALA A 210 -21.11 0.73 4.65
CA ALA A 210 -21.26 0.20 6.00
C ALA A 210 -22.69 0.21 6.49
N ARG A 211 -23.46 1.26 6.17
CA ARG A 211 -24.88 1.31 6.59
C ARG A 211 -25.76 0.29 5.82
N GLU A 212 -25.40 0.01 4.57
CA GLU A 212 -26.16 -0.96 3.76
C GLU A 212 -25.89 -2.37 4.23
N VAL A 213 -24.62 -2.73 4.47
CA VAL A 213 -24.25 -4.07 4.90
C VAL A 213 -24.71 -4.36 6.32
N LYS A 214 -24.86 -3.32 7.18
CA LYS A 214 -25.36 -3.51 8.54
C LYS A 214 -26.83 -3.96 8.46
N LYS A 215 -27.62 -3.34 7.54
CA LYS A 215 -29.01 -3.68 7.29
C LYS A 215 -29.11 -5.12 6.85
N ARG A 216 -28.21 -5.56 5.97
CA ARG A 216 -28.23 -6.94 5.47
C ARG A 216 -27.76 -7.98 6.49
N GLY A 217 -27.20 -7.57 7.62
CA GLY A 217 -26.77 -8.49 8.65
C GLY A 217 -25.28 -8.78 8.73
N ALA A 218 -24.44 -7.99 8.02
CA ALA A 218 -22.98 -8.18 8.10
C ALA A 218 -22.54 -7.81 9.51
N SER A 219 -21.71 -8.66 10.13
CA SER A 219 -21.31 -8.49 11.51
C SER A 219 -20.01 -7.71 11.72
N LEU A 220 -19.14 -7.72 10.73
CA LEU A 220 -17.85 -7.05 10.81
C LEU A 220 -17.50 -6.45 9.43
N MET A 221 -16.69 -5.39 9.43
CA MET A 221 -16.28 -4.77 8.18
C MET A 221 -14.77 -4.59 8.17
N ASN A 222 -14.13 -4.90 7.04
CA ASN A 222 -12.70 -4.85 6.87
C ASN A 222 -12.34 -3.90 5.72
N ILE A 223 -12.07 -2.63 6.04
CA ILE A 223 -11.69 -1.64 5.04
C ILE A 223 -10.21 -1.82 4.80
N ILE A 224 -9.84 -2.08 3.55
CA ILE A 224 -8.45 -2.33 3.19
C ILE A 224 -7.97 -1.35 2.15
N PRO A 225 -6.71 -0.89 2.24
CA PRO A 225 -6.21 0.04 1.23
C PRO A 225 -5.97 -0.66 -0.10
N LEU A 226 -6.10 0.08 -1.19
CA LEU A 226 -5.92 -0.46 -2.52
C LEU A 226 -4.46 -0.81 -2.78
N ILE A 227 -4.25 -1.93 -3.46
CA ILE A 227 -2.94 -2.33 -3.93
C ILE A 227 -3.04 -1.96 -5.41
N PRO A 228 -2.43 -0.83 -5.83
CA PRO A 228 -2.61 -0.37 -7.22
C PRO A 228 -2.06 -1.36 -8.22
N MET A 229 -2.96 -2.14 -8.78
CA MET A 229 -2.74 -3.23 -9.70
C MET A 229 -3.91 -3.31 -10.70
N GLY A 230 -3.76 -4.10 -11.75
CA GLY A 230 -4.81 -4.27 -12.74
C GLY A 230 -4.93 -3.04 -13.60
N GLU A 231 -6.17 -2.58 -13.83
CA GLU A 231 -6.40 -1.36 -14.60
C GLU A 231 -6.03 -0.11 -13.78
N MET A 232 -6.10 -0.21 -12.45
CA MET A 232 -5.78 0.89 -11.55
C MET A 232 -4.35 0.85 -11.03
N LYS A 233 -3.39 0.53 -11.91
CA LYS A 233 -1.97 0.48 -11.57
C LYS A 233 -1.38 1.89 -11.29
N ASP A 234 -1.95 2.90 -11.96
CA ASP A 234 -1.60 4.31 -11.86
C ASP A 234 -2.19 4.99 -10.62
N TYR A 235 -3.19 4.36 -9.98
CA TYR A 235 -3.86 4.89 -8.81
C TYR A 235 -2.92 4.95 -7.60
N PRO A 236 -3.21 5.83 -6.63
CA PRO A 236 -2.37 5.89 -5.44
C PRO A 236 -2.88 5.00 -4.32
N ARG A 237 -1.99 4.34 -3.54
CA ARG A 237 -2.46 3.55 -2.38
C ARG A 237 -2.85 4.59 -1.34
N PRO A 238 -4.07 4.53 -0.82
CA PRO A 238 -4.52 5.55 0.14
C PRO A 238 -3.62 5.69 1.34
N THR A 239 -3.49 6.90 1.88
CA THR A 239 -2.64 7.11 3.04
C THR A 239 -3.22 6.41 4.27
N CYS A 240 -2.36 5.87 5.14
CA CYS A 240 -2.78 5.19 6.37
CA CYS A 240 -2.81 5.18 6.34
C CYS A 240 -3.57 6.12 7.28
N GLU A 241 -3.26 7.44 7.25
CA GLU A 241 -3.98 8.41 8.06
C GLU A 241 -5.44 8.52 7.56
N GLN A 242 -5.65 8.44 6.23
CA GLN A 242 -6.95 8.47 5.58
C GLN A 242 -7.76 7.17 5.81
N ILE A 243 -7.13 5.95 5.74
CA ILE A 243 -7.91 4.72 5.97
C ILE A 243 -8.34 4.63 7.47
N GLU A 244 -7.67 5.33 8.38
CA GLU A 244 -8.07 5.33 9.79
C GLU A 244 -9.24 6.30 10.03
N ARG A 245 -9.31 7.38 9.22
CA ARG A 245 -10.40 8.34 9.26
C ARG A 245 -11.68 7.65 8.86
N VAL A 246 -11.66 6.83 7.77
CA VAL A 246 -12.88 6.12 7.38
C VAL A 246 -13.18 5.00 8.38
N ARG A 247 -12.16 4.36 8.97
CA ARG A 247 -12.34 3.28 9.94
C ARG A 247 -12.98 3.79 11.22
N ASN A 248 -12.61 5.00 11.65
CA ASN A 248 -13.13 5.58 12.87
C ASN A 248 -14.60 6.02 12.75
N GLU A 249 -15.05 6.38 11.52
CA GLU A 249 -16.46 6.75 11.34
C GLU A 249 -17.30 5.52 11.04
N VAL A 250 -16.76 4.56 10.28
CA VAL A 250 -17.47 3.31 10.00
C VAL A 250 -17.63 2.49 11.29
N GLU A 251 -16.63 2.55 12.21
CA GLU A 251 -16.67 1.84 13.50
C GLU A 251 -17.89 2.24 14.34
N LYS A 252 -18.36 3.50 14.20
CA LYS A 252 -19.55 3.99 14.90
C LYS A 252 -20.85 3.27 14.45
N ILE A 253 -20.85 2.65 13.26
CA ILE A 253 -22.00 1.91 12.72
C ILE A 253 -21.88 0.40 12.92
N ILE A 254 -20.81 -0.22 12.44
CA ILE A 254 -20.58 -1.65 12.46
C ILE A 254 -19.14 -1.91 12.99
N PRO A 255 -18.88 -3.01 13.73
CA PRO A 255 -17.51 -3.26 14.21
C PRO A 255 -16.50 -3.36 13.06
N VAL A 256 -15.25 -2.95 13.31
CA VAL A 256 -14.21 -2.88 12.27
C VAL A 256 -13.00 -3.80 12.56
N PHE A 257 -12.52 -4.56 11.54
CA PHE A 257 -11.31 -5.38 11.68
C PHE A 257 -10.16 -4.48 11.30
N ARG A 258 -9.07 -4.51 12.07
CA ARG A 258 -7.94 -3.61 11.86
C ARG A 258 -6.61 -4.27 11.57
N ALA A 259 -6.54 -5.57 11.26
CA ALA A 259 -5.24 -6.22 11.02
C ALA A 259 -5.17 -7.03 9.74
N CYS A 260 -5.91 -6.64 8.70
CA CYS A 260 -5.88 -7.34 7.43
C CYS A 260 -4.58 -7.11 6.68
N THR A 261 -3.86 -8.20 6.40
CA THR A 261 -2.59 -8.15 5.69
C THR A 261 -2.71 -8.51 4.21
N GLN A 262 -3.93 -8.56 3.64
CA GLN A 262 -4.18 -8.91 2.24
C GLN A 262 -3.36 -10.10 1.74
N CYS A 263 -3.46 -11.23 2.45
CA CYS A 263 -2.68 -12.42 2.12
C CYS A 263 -3.15 -13.12 0.88
N ARG A 264 -2.20 -13.77 0.18
CA ARG A 264 -2.43 -14.50 -1.07
C ARG A 264 -3.35 -15.72 -0.91
N ALA A 265 -3.87 -16.26 -2.03
CA ALA A 265 -4.79 -17.40 -1.98
C ALA A 265 -4.17 -18.77 -1.65
N ASP A 266 -2.85 -18.86 -1.44
CA ASP A 266 -2.23 -20.13 -1.05
C ASP A 266 -1.66 -20.14 0.37
N ALA A 267 -1.59 -18.96 1.02
CA ALA A 267 -1.07 -18.70 2.36
C ALA A 267 -1.54 -19.65 3.47
N TYR A 268 -0.59 -20.34 4.11
CA TYR A 268 -0.90 -21.20 5.25
C TYR A 268 -0.01 -20.81 6.40
N GLY A 269 -0.55 -20.84 7.60
CA GLY A 269 0.18 -20.44 8.79
C GLY A 269 -0.43 -19.24 9.47
N ILE A 270 0.16 -18.83 10.58
CA ILE A 270 -0.35 -17.69 11.33
C ILE A 270 -0.10 -16.44 10.54
N PRO A 271 -1.08 -15.54 10.33
CA PRO A 271 -0.82 -14.30 9.57
C PRO A 271 0.20 -13.27 10.15
N GLY A 272 1.05 -13.70 11.10
CA GLY A 272 2.21 -13.02 11.69
C GLY A 272 3.47 -13.60 11.06
N LYS A 273 3.59 -14.96 11.04
CA LYS A 273 4.68 -15.67 10.33
C LYS A 273 4.18 -16.88 9.48
N LYS A 274 3.52 -16.58 8.33
CA LYS A 274 2.92 -17.54 7.39
C LYS A 274 3.80 -17.86 6.16
N GLU A 275 3.56 -19.05 5.57
CA GLU A 275 4.23 -19.53 4.38
C GLU A 275 3.26 -19.59 3.19
N ALA A 276 3.82 -19.83 1.99
CA ALA A 276 3.12 -19.92 0.72
C ALA A 276 3.58 -21.17 -0.05
N ASP A 277 2.78 -21.61 -1.03
CA ASP A 277 3.07 -22.77 -1.84
C ASP A 277 4.23 -22.45 -2.79
N LYS A 278 5.21 -23.36 -2.86
CA LYS A 278 6.37 -23.22 -3.73
C LYS A 278 5.89 -23.37 -5.17
N HIS A 279 6.45 -22.53 -6.05
CA HIS A 279 6.13 -22.38 -7.47
C HIS A 279 5.66 -23.64 -8.23
N LEU A 280 6.38 -24.77 -8.10
CA LEU A 280 6.16 -26.05 -8.81
C LEU A 280 7.32 -26.26 -9.81
N ASP A 281 7.93 -27.44 -9.79
CA ASP A 281 9.10 -27.72 -10.63
C ASP A 281 8.75 -27.94 -12.10
N MET A 282 8.87 -26.87 -12.88
CA MET A 282 8.62 -26.82 -14.33
C MET A 282 9.22 -25.51 -14.90
N THR A 283 10.35 -25.04 -14.33
CA THR A 283 10.94 -23.75 -14.69
C THR A 283 12.29 -23.75 -15.47
N PRO A 284 13.05 -24.85 -15.71
CA PRO A 284 14.31 -24.70 -16.48
C PRO A 284 14.13 -23.97 -17.85
N ALA A 285 15.20 -23.86 -18.64
CA ALA A 285 15.15 -23.16 -19.93
C ALA A 285 15.21 -24.15 -21.09
N THR B 7 15.96 29.86 15.16
CA THR B 7 15.25 28.70 15.74
C THR B 7 14.82 27.72 14.62
N ARG B 8 14.89 26.39 14.87
CA ARG B 8 14.44 25.41 13.89
C ARG B 8 12.94 25.06 14.08
N PHE B 9 12.15 26.00 14.64
CA PHE B 9 10.71 25.89 14.85
C PHE B 9 10.05 27.22 14.42
N ALA B 10 10.70 28.37 14.73
CA ALA B 10 10.21 29.68 14.29
C ALA B 10 10.34 29.82 12.77
N HIS B 11 11.38 29.21 12.19
CA HIS B 11 11.62 29.23 10.76
C HIS B 11 10.81 28.18 10.01
N ILE B 12 10.39 27.08 10.70
CA ILE B 12 9.61 26.00 10.09
C ILE B 12 8.08 26.35 10.10
N THR B 13 7.63 26.88 8.96
CA THR B 13 6.24 27.31 8.79
C THR B 13 5.54 26.47 7.71
N LYS B 14 4.19 26.49 7.72
CA LYS B 14 3.44 25.68 6.77
C LYS B 14 2.49 26.50 5.85
N ALA B 15 2.84 26.43 4.57
CA ALA B 15 2.21 26.93 3.32
C ALA B 15 2.48 25.90 2.15
N HIS B 16 3.32 24.87 2.44
CA HIS B 16 3.83 23.75 1.66
C HIS B 16 2.92 22.56 1.99
N PRO B 17 2.46 21.80 0.99
CA PRO B 17 1.59 20.64 1.30
C PRO B 17 2.31 19.45 1.89
N CYS B 18 3.59 19.23 1.61
CA CYS B 18 4.33 18.11 2.17
C CYS B 18 4.82 18.33 3.62
N PHE B 19 4.38 19.40 4.23
CA PHE B 19 4.60 19.81 5.60
C PHE B 19 3.20 20.26 6.00
N ASN B 20 2.63 19.71 7.07
CA ASN B 20 1.24 20.02 7.43
C ASN B 20 0.33 19.37 6.41
N GLU B 21 -0.36 18.31 6.84
CA GLU B 21 -1.27 17.55 6.00
C GLU B 21 -2.57 18.28 5.67
N LYS B 22 -2.95 19.29 6.48
CA LYS B 22 -4.19 20.05 6.17
C LYS B 22 -4.09 20.85 4.85
N LEU B 23 -2.88 20.99 4.32
CA LEU B 23 -2.59 21.71 3.10
C LEU B 23 -2.50 20.79 1.92
N HIS B 24 -1.96 19.57 2.10
CA HIS B 24 -1.69 18.57 1.05
C HIS B 24 -2.79 18.40 -0.01
N ASP B 25 -4.05 18.33 0.43
CA ASP B 25 -5.16 18.19 -0.53
C ASP B 25 -5.77 19.54 -0.96
N ARG B 26 -5.06 20.67 -0.71
CA ARG B 26 -5.51 22.02 -0.96
C ARG B 26 -4.57 22.84 -1.82
N VAL B 27 -3.25 22.73 -1.60
CA VAL B 27 -2.29 23.47 -2.41
C VAL B 27 -1.47 22.57 -3.33
N GLY B 28 -0.98 23.14 -4.42
CA GLY B 28 -0.20 22.39 -5.39
C GLY B 28 1.31 22.39 -5.22
N ARG B 29 1.92 21.35 -5.79
CA ARG B 29 3.35 21.11 -5.86
C ARG B 29 3.66 20.61 -7.31
N VAL B 30 4.80 21.01 -7.90
CA VAL B 30 5.17 20.52 -9.22
C VAL B 30 6.53 19.83 -9.14
N HIS B 31 6.64 18.65 -9.73
CA HIS B 31 7.90 17.94 -9.76
C HIS B 31 8.44 18.05 -11.16
N VAL B 32 9.71 18.46 -11.31
CA VAL B 32 10.32 18.51 -12.62
C VAL B 32 11.24 17.29 -12.79
N PRO B 33 11.03 16.50 -13.85
CA PRO B 33 11.85 15.29 -14.03
C PRO B 33 13.18 15.63 -14.69
N ILE B 34 14.00 16.40 -14.00
CA ILE B 34 15.28 16.85 -14.52
C ILE B 34 16.48 16.19 -13.82
N ALA B 35 16.28 15.15 -12.99
CA ALA B 35 17.41 14.54 -12.28
C ALA B 35 17.52 13.02 -12.48
N PRO B 36 17.83 12.55 -13.70
CA PRO B 36 17.83 11.09 -13.96
C PRO B 36 18.90 10.21 -13.32
N ARG B 37 20.14 10.69 -13.20
CA ARG B 37 21.21 9.90 -12.63
C ARG B 37 21.09 9.72 -11.12
N CYS B 38 21.63 8.61 -10.62
CA CYS B 38 21.66 8.36 -9.19
C CYS B 38 23.02 7.79 -8.81
N ASN B 39 23.41 8.05 -7.56
CA ASN B 39 24.72 7.62 -7.07
C ASN B 39 24.70 6.35 -6.26
N ILE B 40 23.56 5.96 -5.70
CA ILE B 40 23.51 4.75 -4.87
C ILE B 40 22.54 3.68 -5.43
N HIS B 41 22.48 2.48 -4.79
CA HIS B 41 21.47 1.50 -5.16
C HIS B 41 20.65 1.07 -3.96
N CYS B 42 19.34 1.42 -3.96
CA CYS B 42 18.39 1.03 -2.91
C CYS B 42 17.79 -0.30 -3.35
N LYS B 43 17.84 -1.34 -2.51
CA LYS B 43 17.27 -2.64 -2.87
C LYS B 43 15.72 -2.61 -3.11
N PHE B 44 15.08 -1.46 -2.84
CA PHE B 44 13.63 -1.29 -3.01
C PHE B 44 13.25 -0.35 -4.16
N CYS B 45 14.22 0.07 -4.99
CA CYS B 45 13.94 0.98 -6.09
C CYS B 45 14.03 0.32 -7.44
N THR B 46 13.45 0.96 -8.46
CA THR B 46 13.58 0.45 -9.83
C THR B 46 13.92 1.55 -10.81
N ARG B 47 13.32 2.75 -10.63
CA ARG B 47 13.51 3.88 -11.55
C ARG B 47 13.03 3.48 -12.94
N ASP B 48 11.89 4.03 -13.36
CA ASP B 48 11.34 3.67 -14.65
C ASP B 48 10.88 4.87 -15.46
N ILE B 49 10.49 4.59 -16.70
CA ILE B 49 9.95 5.58 -17.57
C ILE B 49 8.71 4.98 -18.19
N ASN B 50 7.54 5.36 -17.62
CA ASN B 50 6.21 4.90 -18.03
C ASN B 50 5.15 5.97 -17.73
N GLU B 51 3.90 5.79 -18.22
CA GLU B 51 2.84 6.75 -17.92
C GLU B 51 1.72 6.06 -17.12
N CYS B 52 2.08 5.23 -16.13
CA CYS B 52 1.11 4.54 -15.29
C CYS B 52 1.56 4.45 -13.83
N GLU B 53 2.53 3.57 -13.44
CA GLU B 53 3.01 3.43 -12.05
C GLU B 53 3.15 4.75 -11.33
N ARG B 54 2.66 4.82 -10.09
CA ARG B 54 2.74 6.05 -9.31
C ARG B 54 3.89 6.02 -8.26
N ARG B 55 4.74 5.00 -8.30
CA ARG B 55 5.87 4.91 -7.38
C ARG B 55 6.85 6.10 -7.62
N PRO B 56 7.49 6.61 -6.53
CA PRO B 56 8.33 7.81 -6.63
C PRO B 56 9.43 7.90 -7.70
N GLY B 57 10.02 6.77 -8.11
CA GLY B 57 11.11 6.83 -9.10
C GLY B 57 10.65 6.73 -10.54
N VAL B 58 9.46 7.27 -10.85
CA VAL B 58 8.91 7.14 -12.18
C VAL B 58 8.65 8.46 -12.81
N THR B 59 8.82 8.50 -14.12
CA THR B 59 8.62 9.70 -14.90
C THR B 59 8.17 9.34 -16.30
N GLY B 60 7.46 10.24 -16.96
CA GLY B 60 6.98 9.98 -18.32
C GLY B 60 8.03 10.30 -19.37
N ARG B 61 8.72 11.39 -19.16
CA ARG B 61 9.77 11.85 -20.04
C ARG B 61 10.67 12.76 -19.23
N LEU B 62 11.99 12.75 -19.52
CA LEU B 62 12.90 13.65 -18.82
C LEU B 62 12.97 14.99 -19.53
N MET B 63 13.01 16.05 -18.74
CA MET B 63 13.05 17.41 -19.26
C MET B 63 14.41 18.02 -19.09
N THR B 64 14.71 19.03 -19.90
CA THR B 64 15.92 19.82 -19.75
C THR B 64 15.59 20.92 -18.74
N ALA B 65 16.60 21.50 -18.10
CA ALA B 65 16.40 22.57 -17.11
C ALA B 65 15.58 23.76 -17.69
N ASP B 66 15.89 24.17 -18.92
CA ASP B 66 15.19 25.29 -19.58
C ASP B 66 13.73 24.92 -19.89
N ASP B 67 13.49 23.68 -20.38
CA ASP B 67 12.14 23.19 -20.68
C ASP B 67 11.32 23.03 -19.40
N ALA B 68 11.99 22.71 -18.28
CA ALA B 68 11.34 22.57 -16.98
C ALA B 68 10.83 23.94 -16.55
N ILE B 69 11.57 25.04 -16.85
CA ILE B 69 11.13 26.40 -16.55
C ILE B 69 9.80 26.69 -17.27
N LYS B 70 9.76 26.45 -18.59
CA LYS B 70 8.55 26.67 -19.38
C LYS B 70 7.37 25.83 -18.86
N HIS B 71 7.66 24.59 -18.41
CA HIS B 71 6.63 23.72 -17.85
C HIS B 71 6.07 24.28 -16.56
N VAL B 72 6.94 24.78 -15.66
CA VAL B 72 6.50 25.37 -14.40
C VAL B 72 5.65 26.60 -14.69
N GLU B 73 6.10 27.47 -15.61
CA GLU B 73 5.37 28.65 -16.03
C GLU B 73 3.96 28.29 -16.54
N LYS B 74 3.86 27.26 -17.41
CA LYS B 74 2.59 26.81 -17.97
C LYS B 74 1.64 26.26 -16.91
N VAL B 75 2.13 25.36 -16.04
CA VAL B 75 1.27 24.75 -15.03
C VAL B 75 0.86 25.76 -13.93
N LYS B 76 1.69 26.77 -13.66
CA LYS B 76 1.40 27.79 -12.65
C LYS B 76 0.09 28.52 -12.94
N GLU B 77 -0.16 28.80 -14.23
CA GLU B 77 -1.35 29.52 -14.68
C GLU B 77 -2.59 28.67 -14.60
N GLU B 78 -2.50 27.39 -14.98
CA GLU B 78 -3.65 26.49 -14.99
C GLU B 78 -3.95 25.83 -13.63
N MET B 79 -3.00 25.86 -12.68
CA MET B 79 -3.10 25.19 -11.38
C MET B 79 -2.54 25.98 -10.16
N PRO B 80 -3.10 25.73 -8.93
CA PRO B 80 -2.64 26.42 -7.71
C PRO B 80 -1.13 26.62 -7.60
N ILE B 81 -0.38 25.52 -7.38
CA ILE B 81 1.08 25.50 -7.28
C ILE B 81 1.66 26.54 -6.35
N SER B 82 2.30 26.06 -5.32
CA SER B 82 2.98 26.86 -4.31
C SER B 82 4.44 26.35 -4.07
N VAL B 83 4.74 25.11 -4.46
CA VAL B 83 6.06 24.49 -4.32
C VAL B 83 6.58 24.04 -5.70
N ILE B 84 7.90 24.09 -5.90
CA ILE B 84 8.60 23.56 -7.07
C ILE B 84 9.61 22.60 -6.49
N GLY B 85 9.47 21.32 -6.80
CA GLY B 85 10.38 20.32 -6.26
C GLY B 85 11.11 19.49 -7.29
N VAL B 86 12.40 19.22 -7.06
CA VAL B 86 13.14 18.33 -7.95
C VAL B 86 13.26 16.96 -7.29
N ALA B 87 12.25 16.11 -7.47
CA ALA B 87 12.28 14.75 -6.94
C ALA B 87 13.06 13.81 -7.86
N GLY B 88 13.15 14.16 -9.16
CA GLY B 88 13.89 13.55 -10.28
C GLY B 88 14.15 12.08 -10.16
N PRO B 89 14.07 11.29 -11.25
CA PRO B 89 14.22 9.83 -11.12
C PRO B 89 15.32 9.36 -10.14
N GLY B 90 16.51 9.90 -10.27
CA GLY B 90 17.61 9.56 -9.39
C GLY B 90 17.75 10.52 -8.23
N ASP B 91 18.98 11.00 -8.02
CA ASP B 91 19.25 11.92 -6.94
C ASP B 91 19.42 13.32 -7.49
N ALA B 92 18.73 14.30 -6.87
CA ALA B 92 18.81 15.71 -7.30
C ALA B 92 20.23 16.28 -7.17
N LEU B 93 20.93 15.97 -6.06
CA LEU B 93 22.28 16.48 -5.88
C LEU B 93 23.28 15.92 -6.89
N ALA B 94 23.01 14.71 -7.43
CA ALA B 94 23.90 14.04 -8.37
C ALA B 94 23.80 14.57 -9.82
N ASN B 95 22.84 15.46 -10.11
CA ASN B 95 22.70 16.00 -11.47
C ASN B 95 22.88 17.50 -11.45
N GLU B 96 23.90 18.01 -12.15
CA GLU B 96 24.16 19.45 -12.17
C GLU B 96 22.99 20.28 -12.72
N GLU B 97 22.12 19.66 -13.52
CA GLU B 97 20.96 20.33 -14.09
C GLU B 97 19.95 20.77 -13.04
N THR B 98 19.98 20.14 -11.85
CA THR B 98 19.11 20.52 -10.72
C THR B 98 19.51 21.92 -10.25
N PHE B 99 20.84 22.19 -10.19
CA PHE B 99 21.42 23.45 -9.77
C PHE B 99 21.13 24.49 -10.85
N GLU B 100 21.38 24.12 -12.11
CA GLU B 100 21.11 24.94 -13.30
C GLU B 100 19.67 25.42 -13.30
N PHE B 101 18.75 24.55 -12.90
CA PHE B 101 17.34 24.87 -12.84
C PHE B 101 17.08 25.81 -11.68
N PHE B 102 17.60 25.47 -10.49
CA PHE B 102 17.39 26.26 -9.28
C PHE B 102 17.91 27.68 -9.36
N LYS B 103 18.91 27.92 -10.21
CA LYS B 103 19.40 29.28 -10.42
C LYS B 103 18.34 29.99 -11.26
N LYS B 104 17.95 29.38 -12.40
CA LYS B 104 16.93 29.93 -13.31
C LYS B 104 15.60 30.22 -12.62
N ALA B 105 15.14 29.30 -11.76
CA ALA B 105 13.89 29.41 -10.99
C ALA B 105 13.96 30.43 -9.87
N SER B 106 15.16 30.71 -9.34
CA SER B 106 15.32 31.72 -8.29
C SER B 106 14.94 33.12 -8.80
N LYS B 107 15.20 33.39 -10.09
CA LYS B 107 14.86 34.66 -10.71
C LYS B 107 13.48 34.59 -11.39
N LYS B 108 13.20 33.52 -12.17
CA LYS B 108 11.93 33.38 -12.88
C LYS B 108 10.72 33.20 -11.97
N PHE B 109 10.84 32.41 -10.87
CA PHE B 109 9.71 32.19 -9.95
C PHE B 109 10.07 32.54 -8.49
N PRO B 110 10.14 33.85 -8.13
CA PRO B 110 10.44 34.20 -6.73
C PRO B 110 9.25 34.03 -5.77
N ASP B 111 8.13 33.52 -6.28
CA ASP B 111 6.90 33.38 -5.51
C ASP B 111 6.70 32.00 -4.92
N LEU B 112 7.06 30.96 -5.70
CA LEU B 112 6.92 29.54 -5.31
C LEU B 112 8.12 29.14 -4.49
N LEU B 113 7.91 28.40 -3.39
CA LEU B 113 9.03 27.97 -2.58
C LEU B 113 9.76 26.79 -3.24
N LYS B 114 11.09 26.81 -3.16
CA LYS B 114 11.96 25.85 -3.80
C LYS B 114 12.22 24.70 -2.89
N CYS B 115 11.99 23.48 -3.38
CA CYS B 115 12.12 22.23 -2.64
C CYS B 115 12.83 21.14 -3.46
N MET B 116 13.52 20.20 -2.79
CA MET B 116 14.16 19.08 -3.50
C MET B 116 14.51 17.93 -2.58
N SER B 117 14.39 16.69 -3.10
CA SER B 117 14.66 15.43 -2.39
C SER B 117 16.07 14.90 -2.71
N THR B 118 16.73 14.36 -1.69
CA THR B 118 18.07 13.80 -1.83
C THR B 118 18.29 12.58 -0.90
N ASN B 119 19.40 11.85 -1.11
CA ASN B 119 19.77 10.75 -0.24
C ASN B 119 21.02 11.07 0.62
N GLY B 120 21.35 12.36 0.77
CA GLY B 120 22.43 12.86 1.61
C GLY B 120 23.88 12.68 1.18
N LEU B 121 24.20 11.67 0.39
CA LEU B 121 25.58 11.36 -0.03
C LEU B 121 26.39 12.56 -0.60
N LEU B 122 25.71 13.51 -1.24
CA LEU B 122 26.38 14.70 -1.78
C LEU B 122 26.04 15.99 -1.04
N LEU B 123 25.41 15.89 0.14
CA LEU B 123 25.10 17.05 0.97
C LEU B 123 26.35 17.74 1.49
N PRO B 124 27.40 17.03 1.98
CA PRO B 124 28.61 17.75 2.40
C PRO B 124 29.22 18.56 1.27
N ASP B 125 29.26 18.01 0.05
CA ASP B 125 29.85 18.73 -1.07
C ASP B 125 28.97 19.87 -1.63
N ARG B 126 27.64 19.68 -1.67
CA ARG B 126 26.76 20.67 -2.29
C ARG B 126 25.87 21.50 -1.35
N ALA B 127 25.99 21.36 -0.01
CA ALA B 127 25.13 22.12 0.91
C ALA B 127 25.34 23.62 0.80
N ASP B 128 26.59 24.04 0.54
CA ASP B 128 26.92 25.45 0.38
C ASP B 128 26.14 26.03 -0.80
N GLU B 129 26.17 25.33 -1.96
CA GLU B 129 25.44 25.72 -3.16
C GLU B 129 23.95 25.83 -2.88
N LEU B 130 23.35 24.82 -2.20
CA LEU B 130 21.92 24.80 -1.84
C LEU B 130 21.48 26.09 -1.16
N ALA B 131 22.28 26.57 -0.19
CA ALA B 131 21.97 27.81 0.52
C ALA B 131 21.98 29.02 -0.40
N GLU B 132 22.92 29.05 -1.38
CA GLU B 132 23.06 30.14 -2.37
C GLU B 132 21.88 30.19 -3.36
N LEU B 133 21.23 29.05 -3.61
CA LEU B 133 20.10 29.01 -4.53
C LEU B 133 18.76 29.42 -3.92
N GLY B 134 18.74 29.73 -2.63
CA GLY B 134 17.51 30.11 -1.93
C GLY B 134 16.54 28.96 -1.75
N ILE B 135 17.07 27.70 -1.60
CA ILE B 135 16.31 26.46 -1.38
C ILE B 135 15.70 26.54 -0.01
N ASN B 136 14.40 26.36 0.05
CA ASN B 136 13.68 26.51 1.28
C ASN B 136 13.64 25.20 2.11
N THR B 137 13.51 24.06 1.44
CA THR B 137 13.38 22.79 2.14
C THR B 137 13.99 21.64 1.41
N VAL B 138 14.77 20.82 2.11
CA VAL B 138 15.35 19.63 1.51
C VAL B 138 14.92 18.37 2.26
N THR B 139 14.59 17.30 1.53
CA THR B 139 14.20 16.04 2.16
C THR B 139 15.34 15.03 2.03
N VAL B 140 15.72 14.39 3.12
CA VAL B 140 16.78 13.39 3.10
C VAL B 140 16.19 12.03 3.40
N THR B 141 16.46 11.03 2.55
CA THR B 141 15.89 9.70 2.76
C THR B 141 16.80 8.83 3.62
N VAL B 142 16.55 8.80 4.94
CA VAL B 142 17.30 7.99 5.89
C VAL B 142 16.51 6.74 6.25
N ASN B 143 17.00 5.57 5.83
CA ASN B 143 16.33 4.31 6.12
C ASN B 143 17.00 3.50 7.24
N ALA B 144 18.21 3.88 7.66
CA ALA B 144 18.90 3.20 8.74
C ALA B 144 20.06 4.03 9.30
N VAL B 145 20.38 3.76 10.57
CA VAL B 145 21.49 4.36 11.29
C VAL B 145 22.43 3.23 11.72
N ASP B 146 21.89 2.12 12.24
CA ASP B 146 22.69 0.95 12.59
C ASP B 146 23.21 0.28 11.32
N PRO B 147 24.54 0.17 11.13
CA PRO B 147 25.06 -0.48 9.91
C PRO B 147 24.57 -1.92 9.68
N GLU B 148 24.26 -2.67 10.75
CA GLU B 148 23.72 -4.02 10.64
C GLU B 148 22.37 -4.03 9.89
N ILE B 149 21.60 -2.92 9.95
CA ILE B 149 20.32 -2.72 9.27
C ILE B 149 20.60 -2.15 7.85
N GLY B 150 21.38 -1.08 7.79
CA GLY B 150 21.71 -0.36 6.57
C GLY B 150 22.37 -1.17 5.47
N GLU B 151 23.21 -2.15 5.85
CA GLU B 151 23.86 -3.00 4.86
C GLU B 151 22.84 -3.83 4.08
N LYS B 152 21.75 -4.24 4.77
CA LYS B 152 20.67 -5.03 4.16
C LYS B 152 19.71 -4.18 3.29
N ILE B 153 19.96 -2.88 3.14
CA ILE B 153 19.10 -2.01 2.38
C ILE B 153 19.78 -1.47 1.12
N TYR B 154 21.10 -1.25 1.17
CA TYR B 154 21.82 -0.72 0.02
C TYR B 154 22.86 -1.68 -0.55
N SER B 155 22.97 -1.76 -1.88
CA SER B 155 23.94 -2.66 -2.52
C SER B 155 25.27 -1.94 -2.85
N PHE B 156 25.21 -0.79 -3.53
CA PHE B 156 26.43 -0.05 -3.86
C PHE B 156 26.27 1.45 -3.65
N VAL B 157 27.38 2.14 -3.39
CA VAL B 157 27.45 3.59 -3.23
C VAL B 157 28.58 4.14 -4.11
N VAL B 158 28.30 5.20 -4.86
CA VAL B 158 29.31 5.82 -5.70
C VAL B 158 29.68 7.18 -5.12
N TYR B 159 30.93 7.32 -4.70
CA TYR B 159 31.46 8.55 -4.12
C TYR B 159 32.90 8.73 -4.55
N LYS B 160 33.27 9.98 -4.87
CA LYS B 160 34.62 10.35 -5.29
C LYS B 160 35.16 9.46 -6.43
N ASP B 161 34.29 9.15 -7.42
CA ASP B 161 34.57 8.30 -8.61
C ASP B 161 34.87 6.82 -8.26
N LYS B 162 34.60 6.39 -7.03
CA LYS B 162 34.84 5.02 -6.58
C LYS B 162 33.56 4.37 -6.08
N VAL B 163 33.49 3.03 -6.19
CA VAL B 163 32.31 2.28 -5.74
C VAL B 163 32.59 1.58 -4.40
N TYR B 164 31.58 1.57 -3.51
CA TYR B 164 31.61 0.96 -2.18
C TYR B 164 30.58 -0.17 -2.10
N HIS B 165 30.86 -1.19 -1.29
CA HIS B 165 29.96 -2.36 -1.20
C HIS B 165 29.68 -2.80 0.23
N GLY B 166 28.47 -3.33 0.46
CA GLY B 166 28.04 -3.84 1.75
C GLY B 166 28.01 -2.81 2.87
N ARG B 167 28.60 -3.15 4.02
CA ARG B 167 28.68 -2.24 5.15
C ARG B 167 29.56 -1.04 4.83
N GLU B 168 30.61 -1.22 4.01
CA GLU B 168 31.49 -0.12 3.61
C GLU B 168 30.70 0.97 2.88
N ALA B 169 29.78 0.55 2.01
CA ALA B 169 28.93 1.48 1.27
C ALA B 169 27.98 2.21 2.22
N PHE B 170 27.34 1.49 3.15
CA PHE B 170 26.39 2.09 4.06
C PHE B 170 27.06 3.07 5.01
N GLU B 171 28.27 2.75 5.49
CA GLU B 171 28.98 3.64 6.41
C GLU B 171 29.35 4.98 5.74
N VAL B 172 29.61 4.98 4.41
CA VAL B 172 29.90 6.21 3.66
C VAL B 172 28.60 7.04 3.56
N LEU B 173 27.49 6.38 3.23
CA LEU B 173 26.21 7.05 3.11
C LEU B 173 25.75 7.63 4.43
N SER B 174 25.78 6.85 5.53
CA SER B 174 25.36 7.29 6.86
C SER B 174 26.18 8.48 7.36
N ARG B 175 27.50 8.50 7.08
CA ARG B 175 28.33 9.63 7.50
C ARG B 175 27.92 10.90 6.74
N ASN B 176 27.67 10.76 5.43
CA ASN B 176 27.26 11.88 4.60
C ASN B 176 25.84 12.41 4.89
N GLN B 177 24.83 11.52 5.01
CA GLN B 177 23.46 11.97 5.27
C GLN B 177 23.36 12.69 6.59
N LEU B 178 23.83 12.07 7.68
CA LEU B 178 23.75 12.67 8.99
C LEU B 178 24.55 13.97 9.10
N GLU B 179 25.81 13.99 8.63
CA GLU B 179 26.59 15.26 8.62
C GLU B 179 25.97 16.29 7.65
N GLY B 180 25.23 15.82 6.65
CA GLY B 180 24.53 16.64 5.67
C GLY B 180 23.33 17.31 6.29
N ILE B 181 22.62 16.62 7.20
CA ILE B 181 21.48 17.19 7.90
C ILE B 181 21.98 18.35 8.76
N GLU B 182 23.11 18.13 9.49
CA GLU B 182 23.76 19.11 10.34
C GLU B 182 24.21 20.30 9.50
N LYS B 183 24.99 20.07 8.43
CA LYS B 183 25.46 21.17 7.57
C LYS B 183 24.31 22.00 7.00
N LEU B 184 23.18 21.35 6.71
CA LEU B 184 21.99 22.02 6.22
C LEU B 184 21.28 22.81 7.32
N ALA B 185 21.11 22.22 8.52
CA ALA B 185 20.44 22.85 9.66
C ALA B 185 21.14 24.13 10.09
N GLU B 186 22.47 24.13 10.00
CA GLU B 186 23.30 25.28 10.35
C GLU B 186 23.14 26.37 9.29
N ARG B 187 22.98 26.00 8.01
CA ARG B 187 22.78 26.98 6.95
C ARG B 187 21.37 27.60 6.91
N GLY B 188 20.46 27.14 7.79
CA GLY B 188 19.09 27.64 7.86
C GLY B 188 18.05 26.83 7.09
N ILE B 189 18.50 25.78 6.36
CA ILE B 189 17.59 24.95 5.58
C ILE B 189 16.87 23.92 6.45
N ILE B 190 15.52 23.92 6.39
CA ILE B 190 14.62 23.00 7.10
C ILE B 190 14.74 21.63 6.46
N VAL B 191 15.18 20.63 7.22
CA VAL B 191 15.33 19.28 6.68
C VAL B 191 14.13 18.41 7.10
N LYS B 192 13.68 17.53 6.20
CA LYS B 192 12.60 16.56 6.39
C LYS B 192 13.21 15.19 6.18
N VAL B 193 12.84 14.18 6.98
CA VAL B 193 13.43 12.86 6.78
C VAL B 193 12.37 11.81 6.39
N ASN B 194 12.48 11.26 5.16
CA ASN B 194 11.57 10.22 4.67
C ASN B 194 12.18 8.87 4.98
N SER B 195 11.45 8.00 5.66
CA SER B 195 11.98 6.70 6.03
C SER B 195 11.00 5.66 5.55
N VAL B 196 11.49 4.66 4.79
CA VAL B 196 10.61 3.60 4.30
C VAL B 196 10.55 2.50 5.36
N LEU B 197 9.34 2.18 5.83
CA LEU B 197 9.17 1.14 6.83
C LEU B 197 9.21 -0.20 6.12
N ILE B 198 10.36 -0.92 6.20
CA ILE B 198 10.55 -2.21 5.58
C ILE B 198 10.31 -3.29 6.61
N PRO B 199 9.20 -4.04 6.50
CA PRO B 199 8.91 -5.07 7.51
C PRO B 199 10.00 -6.13 7.61
N GLY B 200 10.43 -6.39 8.83
CA GLY B 200 11.45 -7.38 9.09
C GLY B 200 12.84 -6.79 9.16
N LEU B 201 13.06 -5.70 8.44
CA LEU B 201 14.36 -5.04 8.36
C LEU B 201 14.51 -3.91 9.40
N ASN B 202 14.00 -2.69 9.11
CA ASN B 202 14.09 -1.55 10.01
C ASN B 202 12.84 -1.33 10.87
N ASP B 203 11.91 -2.29 10.86
CA ASP B 203 10.67 -2.31 11.62
C ASP B 203 10.80 -1.72 13.05
N GLU B 204 11.66 -2.31 13.90
CA GLU B 204 11.94 -1.88 15.28
C GLU B 204 13.19 -0.97 15.37
N HIS B 205 13.49 -0.27 14.29
CA HIS B 205 14.67 0.60 14.19
C HIS B 205 14.29 2.07 13.85
N ILE B 206 13.05 2.32 13.39
CA ILE B 206 12.56 3.64 12.98
C ILE B 206 12.65 4.67 14.11
N VAL B 207 12.49 4.25 15.36
CA VAL B 207 12.59 5.16 16.51
C VAL B 207 14.07 5.60 16.75
N ASP B 208 15.04 4.71 16.40
CA ASP B 208 16.49 4.96 16.45
C ASP B 208 16.86 6.01 15.42
N ILE B 209 16.28 5.92 14.21
CA ILE B 209 16.53 6.89 13.16
C ILE B 209 15.96 8.24 13.57
N ALA B 210 14.78 8.27 14.17
CA ALA B 210 14.16 9.53 14.60
C ALA B 210 14.99 10.27 15.64
N ARG B 211 15.61 9.54 16.59
CA ARG B 211 16.44 10.20 17.61
C ARG B 211 17.76 10.74 17.01
N GLU B 212 18.30 10.07 15.99
CA GLU B 212 19.55 10.51 15.35
C GLU B 212 19.32 11.76 14.51
N VAL B 213 18.24 11.77 13.70
CA VAL B 213 17.94 12.90 12.83
C VAL B 213 17.49 14.14 13.61
N LYS B 214 16.91 13.95 14.83
CA LYS B 214 16.53 15.06 15.68
C LYS B 214 17.80 15.79 16.12
N LYS B 215 18.84 15.01 16.51
CA LYS B 215 20.16 15.52 16.92
C LYS B 215 20.76 16.33 15.80
N ARG B 216 20.66 15.85 14.56
CA ARG B 216 21.22 16.56 13.41
C ARG B 216 20.44 17.81 12.99
N GLY B 217 19.24 18.02 13.53
CA GLY B 217 18.45 19.20 13.19
C GLY B 217 17.28 18.99 12.23
N ALA B 218 16.91 17.73 11.94
CA ALA B 218 15.75 17.46 11.07
C ALA B 218 14.49 17.92 11.78
N SER B 219 13.62 18.63 11.08
CA SER B 219 12.43 19.23 11.69
C SER B 219 11.16 18.38 11.60
N LEU B 220 11.07 17.51 10.61
CA LEU B 220 9.90 16.69 10.41
C LEU B 220 10.34 15.30 9.92
N MET B 221 9.53 14.28 10.19
CA MET B 221 9.83 12.93 9.74
C MET B 221 8.60 12.35 9.03
N ASN B 222 8.83 11.69 7.89
CA ASN B 222 7.80 11.11 7.06
C ASN B 222 8.02 9.61 6.90
N ILE B 223 7.40 8.81 7.76
CA ILE B 223 7.51 7.36 7.68
C ILE B 223 6.52 6.89 6.62
N ILE B 224 7.01 6.17 5.60
CA ILE B 224 6.12 5.68 4.54
C ILE B 224 6.20 4.19 4.45
N PRO B 225 5.09 3.54 4.11
CA PRO B 225 5.12 2.08 3.95
C PRO B 225 5.85 1.68 2.67
N LEU B 226 6.45 0.50 2.68
CA LEU B 226 7.19 0.02 1.54
C LEU B 226 6.29 -0.32 0.39
N ILE B 227 6.73 0.00 -0.83
CA ILE B 227 6.03 -0.42 -2.05
C ILE B 227 6.89 -1.59 -2.49
N PRO B 228 6.44 -2.84 -2.26
CA PRO B 228 7.31 -3.98 -2.57
C PRO B 228 7.55 -4.12 -4.04
N MET B 229 8.76 -3.78 -4.43
CA MET B 229 9.24 -4.01 -5.76
C MET B 229 10.78 -3.87 -5.78
N GLY B 230 11.42 -3.99 -6.94
CA GLY B 230 12.87 -4.00 -6.99
C GLY B 230 13.34 -5.35 -6.45
N GLU B 231 14.43 -5.35 -5.68
CA GLU B 231 14.90 -6.60 -5.06
C GLU B 231 13.91 -7.10 -3.99
N MET B 232 13.19 -6.18 -3.36
CA MET B 232 12.23 -6.51 -2.32
C MET B 232 10.79 -6.63 -2.84
N LYS B 233 10.62 -7.25 -4.01
CA LYS B 233 9.30 -7.45 -4.63
C LYS B 233 8.45 -8.49 -3.85
N ASP B 234 9.13 -9.45 -3.22
CA ASP B 234 8.57 -10.54 -2.42
C ASP B 234 8.20 -10.08 -0.98
N TYR B 235 8.70 -8.92 -0.56
CA TYR B 235 8.45 -8.39 0.76
C TYR B 235 6.97 -7.99 0.94
N PRO B 236 6.48 -7.92 2.18
CA PRO B 236 5.10 -7.52 2.40
C PRO B 236 4.97 -6.02 2.65
N ARG B 237 3.89 -5.41 2.15
CA ARG B 237 3.65 -3.99 2.42
C ARG B 237 3.18 -3.90 3.87
N PRO B 238 3.86 -3.11 4.73
CA PRO B 238 3.46 -3.08 6.14
C PRO B 238 2.00 -2.68 6.36
N THR B 239 1.37 -3.27 7.38
CA THR B 239 -0.03 -3.00 7.69
C THR B 239 -0.19 -1.57 8.19
N CYS B 240 -1.34 -0.94 7.87
CA CYS B 240 -1.66 0.41 8.29
CA CYS B 240 -1.60 0.42 8.31
C CYS B 240 -1.67 0.55 9.82
N GLU B 241 -2.03 -0.53 10.53
CA GLU B 241 -2.05 -0.52 11.99
C GLU B 241 -0.60 -0.39 12.53
N GLN B 242 0.33 -1.11 11.91
CA GLN B 242 1.75 -1.19 12.25
C GLN B 242 2.48 0.11 12.00
N ILE B 243 2.08 0.85 10.96
CA ILE B 243 2.74 2.09 10.61
C ILE B 243 2.18 3.29 11.37
N GLU B 244 1.00 3.18 11.98
CA GLU B 244 0.48 4.22 12.86
C GLU B 244 1.13 4.08 14.23
N ARG B 245 1.33 2.87 14.73
CA ARG B 245 1.97 2.64 16.02
C ARG B 245 3.44 3.07 16.00
N VAL B 246 4.11 3.05 14.82
CA VAL B 246 5.47 3.55 14.76
C VAL B 246 5.36 5.08 14.79
N ARG B 247 4.53 5.66 13.90
CA ARG B 247 4.28 7.10 13.82
C ARG B 247 3.90 7.71 15.20
N ASN B 248 3.16 6.96 16.03
CA ASN B 248 2.75 7.43 17.36
C ASN B 248 3.91 7.45 18.37
N GLU B 249 4.92 6.57 18.21
CA GLU B 249 6.07 6.56 19.10
C GLU B 249 7.13 7.55 18.60
N VAL B 250 7.34 7.60 17.28
CA VAL B 250 8.29 8.55 16.70
C VAL B 250 7.79 10.00 16.90
N GLU B 251 6.46 10.22 16.87
CA GLU B 251 5.85 11.54 17.08
C GLU B 251 6.22 12.14 18.44
N LYS B 252 6.45 11.29 19.45
CA LYS B 252 6.86 11.73 20.78
C LYS B 252 8.26 12.38 20.77
N ILE B 253 9.10 12.08 19.76
CA ILE B 253 10.45 12.64 19.62
C ILE B 253 10.50 13.83 18.65
N ILE B 254 10.07 13.63 17.39
CA ILE B 254 10.12 14.61 16.31
C ILE B 254 8.73 14.68 15.63
N PRO B 255 8.27 15.86 15.16
CA PRO B 255 6.94 15.92 14.51
C PRO B 255 6.84 14.97 13.31
N VAL B 256 5.63 14.44 13.04
CA VAL B 256 5.42 13.44 12.00
C VAL B 256 4.45 13.89 10.88
N PHE B 257 4.81 13.69 9.59
CA PHE B 257 3.92 13.98 8.48
C PHE B 257 3.09 12.71 8.25
N ARG B 258 1.79 12.86 8.02
CA ARG B 258 0.91 11.71 7.90
C ARG B 258 0.15 11.58 6.60
N ALA B 259 0.50 12.32 5.53
CA ALA B 259 -0.26 12.22 4.28
C ALA B 259 0.59 12.03 3.03
N CYS B 260 1.73 11.35 3.14
CA CYS B 260 2.59 11.12 1.99
C CYS B 260 2.00 10.08 1.05
N THR B 261 1.75 10.45 -0.22
CA THR B 261 1.16 9.55 -1.21
C THR B 261 2.21 8.93 -2.17
N GLN B 262 3.52 9.03 -1.83
CA GLN B 262 4.64 8.53 -2.64
C GLN B 262 4.49 8.82 -4.13
N CYS B 263 4.33 10.10 -4.46
CA CYS B 263 4.11 10.52 -5.85
C CYS B 263 5.36 10.43 -6.68
N ARG B 264 5.17 10.20 -8.00
CA ARG B 264 6.24 10.05 -8.99
C ARG B 264 7.05 11.33 -9.22
N ALA B 265 8.24 11.21 -9.87
CA ALA B 265 9.11 12.36 -10.10
C ALA B 265 8.66 13.36 -11.18
N ASP B 266 7.52 13.13 -11.86
CA ASP B 266 7.02 14.10 -12.84
C ASP B 266 5.70 14.77 -12.42
N ALA B 267 5.07 14.28 -11.34
CA ALA B 267 3.80 14.73 -10.76
C ALA B 267 3.64 16.24 -10.57
N TYR B 268 2.63 16.83 -11.22
CA TYR B 268 2.32 18.25 -11.04
C TYR B 268 0.87 18.41 -10.68
N GLY B 269 0.59 19.39 -9.82
CA GLY B 269 -0.76 19.68 -9.35
C GLY B 269 -0.90 19.50 -7.85
N ILE B 270 -2.13 19.38 -7.36
CA ILE B 270 -2.37 19.15 -5.93
C ILE B 270 -2.29 17.67 -5.68
N PRO B 271 -1.56 17.20 -4.65
CA PRO B 271 -1.50 15.75 -4.38
C PRO B 271 -2.82 15.01 -3.96
N GLY B 272 -3.99 15.64 -4.19
CA GLY B 272 -5.33 15.08 -4.04
C GLY B 272 -5.89 14.81 -5.44
N LYS B 273 -5.77 15.79 -6.37
CA LYS B 273 -6.13 15.63 -7.82
C LYS B 273 -5.04 16.16 -8.80
N LYS B 274 -3.92 15.43 -8.88
CA LYS B 274 -2.74 15.77 -9.66
C LYS B 274 -2.60 15.00 -10.96
N GLU B 275 -1.72 15.50 -11.86
CA GLU B 275 -1.43 14.87 -13.14
C GLU B 275 0.07 14.49 -13.26
N ALA B 276 0.39 13.75 -14.33
CA ALA B 276 1.73 13.25 -14.65
C ALA B 276 2.01 13.50 -16.17
N ASP B 277 3.27 13.28 -16.64
CA ASP B 277 3.72 13.41 -18.03
C ASP B 277 3.35 12.17 -18.87
FE1 SF4 C . -12.75 -11.84 -9.13
FE2 SF4 C . -10.34 -10.54 -9.40
FE3 SF4 C . -11.15 -11.44 -6.92
FE4 SF4 C . -12.42 -9.29 -8.10
S1 SF4 C . -10.23 -9.39 -7.40
S2 SF4 C . -13.42 -11.10 -7.05
S3 SF4 C . -12.32 -9.90 -10.32
S4 SF4 C . -10.67 -12.73 -8.77
FE1 CLF D . -8.89 -16.36 4.50
FE2 CLF D . -10.30 -14.19 4.50
FE3 CLF D . -11.41 -16.41 5.73
FE4 CLF D . -9.29 -15.01 6.79
S1 CLF D . -7.87 -14.24 5.01
S2A CLF D . -10.98 -16.15 3.51
S4A CLF D . -11.42 -14.26 6.47
S3A CLF D . -9.43 -17.30 6.54
FE5 CLF D . -7.60 -12.41 6.87
FE6 CLF D . -5.99 -12.48 4.81
FE7 CLF D . -6.93 -9.97 5.59
FE8 CLF D . -8.42 -12.01 4.45
S2B CLF D . -5.48 -11.18 6.95
S3B CLF D . -6.78 -10.77 3.43
S4B CLF D . -8.96 -10.73 6.32
S H2S E . -10.54 -12.08 3.61
N NO3 F . -11.94 -12.94 -3.57
O1 NO3 F . -12.81 -13.02 -4.42
O2 NO3 F . -12.01 -12.21 -2.59
O3 NO3 F . -10.87 -13.69 -3.69
FE1 SF4 G . 16.02 6.79 -5.51
FE2 SF4 G . 17.61 5.15 -3.96
FE3 SF4 G . 18.61 6.28 -6.27
FE4 SF4 G . 16.72 4.29 -6.43
S1 SF4 G . 18.86 4.10 -5.59
S2 SF4 G . 16.75 6.26 -7.63
S3 SF4 G . 15.42 4.77 -4.58
S4 SF4 G . 17.92 7.39 -4.37
FE1 CLF H . 8.16 16.90 -3.77
FE2 CLF H . 8.91 15.67 -1.77
FE3 CLF H . 9.36 18.45 -1.83
FE4 CLF H . 6.93 17.28 -1.52
S1 CLF H . 6.69 15.28 -2.77
S2A CLF H . 10.36 16.84 -3.11
S4A CLF H . 8.69 17.17 -0.07
S3A CLF H . 7.45 18.96 -3.02
FE5 CLF H . 4.97 14.99 -0.82
FE6 CLF H . 5.02 13.29 -2.83
FE7 CLF H . 4.71 12.25 -0.26
FE8 CLF H . 7.05 13.44 -1.32
S2B CLF H . 3.04 13.54 -1.23
S3B CLF H . 6.10 11.45 -1.95
S4B CLF H . 6.02 13.82 0.76
S H2S I . 9.27 13.73 -0.62
C1 MLI J . 1.58 -0.84 -17.68
C2 MLI J . 2.93 -0.97 -16.99
C3 MLI J . 1.51 0.38 -18.59
O6 MLI J . 3.07 -1.92 -16.16
O7 MLI J . 3.83 -0.15 -17.26
O8 MLI J . 0.46 0.58 -19.24
O9 MLI J . 2.53 1.11 -18.66
#